data_3U3B
#
_entry.id   3U3B
#
_cell.length_a   27.564
_cell.length_b   43.958
_cell.length_c   47.680
_cell.angle_alpha   63.89
_cell.angle_beta   80.03
_cell.angle_gamma   87.02
#
_symmetry.space_group_name_H-M   'P 1'
#
loop_
_entity.id
_entity.type
_entity.pdbx_description
1 polymer 'computationally designed four-helix bundle protein'
2 water water
#
_entity_poly.entity_id   1
_entity_poly.type   'polypeptide(L)'
_entity_poly.pdbx_seq_one_letter_code
;MGSHQEYIKKVTDELKELIQNVNDDIKEVEKNPEDMEYWNKIYRLVHTMKEITETMGFSSVAKVLHTIMNLVDKMLNSEI
KITSDLIDKVKKKLDMVTRELDKKVSGSYLVPR
;
_entity_poly.pdbx_strand_id   A,B
#
# COMPACT_ATOMS: atom_id res chain seq x y z
N GLY A 2 -21.14 18.21 18.11
CA GLY A 2 -20.36 19.37 17.70
C GLY A 2 -19.56 19.15 16.42
N SER A 3 -18.75 20.14 16.03
CA SER A 3 -17.89 20.04 14.83
C SER A 3 -16.97 18.84 14.95
N HIS A 4 -16.55 18.54 16.16
CA HIS A 4 -15.69 17.40 16.40
C HIS A 4 -16.49 16.10 16.28
N GLN A 5 -17.76 16.14 16.67
CA GLN A 5 -18.65 15.00 16.48
C GLN A 5 -18.89 14.74 14.99
N GLU A 6 -18.97 15.81 14.22
CA GLU A 6 -19.20 15.67 12.78
C GLU A 6 -17.95 15.10 12.13
N TYR A 7 -16.80 15.54 12.62
CA TYR A 7 -15.52 15.03 12.14
C TYR A 7 -15.38 13.53 12.33
N ILE A 8 -15.67 13.05 13.52
N ILE A 8 -15.65 13.06 13.53
CA ILE A 8 -15.57 11.64 13.79
CA ILE A 8 -15.56 11.62 13.79
C ILE A 8 -16.56 10.84 12.94
C ILE A 8 -16.55 10.84 12.93
N LYS A 9 -17.74 11.39 12.70
CA LYS A 9 -18.72 10.71 11.86
C LYS A 9 -18.23 10.59 10.40
N LYS A 10 -17.67 11.68 9.89
CA LYS A 10 -17.05 11.74 8.56
C LYS A 10 -15.89 10.73 8.42
N VAL A 11 -15.09 10.60 9.46
CA VAL A 11 -13.95 9.69 9.42
C VAL A 11 -14.39 8.22 9.46
N THR A 12 -15.37 7.91 10.30
CA THR A 12 -15.87 6.55 10.39
C THR A 12 -16.66 6.15 9.16
N ASP A 13 -17.35 7.10 8.54
CA ASP A 13 -18.05 6.83 7.30
C ASP A 13 -17.06 6.54 6.17
N GLU A 14 -15.92 7.22 6.19
CA GLU A 14 -14.87 7.00 5.21
C GLU A 14 -14.28 5.60 5.36
N LEU A 15 -14.11 5.17 6.61
CA LEU A 15 -13.56 3.86 6.90
C LEU A 15 -14.54 2.76 6.46
N LYS A 16 -15.82 2.99 6.70
CA LYS A 16 -16.86 2.05 6.26
C LYS A 16 -16.95 1.94 4.73
N GLU A 17 -16.75 3.06 4.04
N GLU A 17 -16.75 3.04 4.02
CA GLU A 17 -16.68 3.06 2.58
CA GLU A 17 -16.72 3.00 2.55
C GLU A 17 -15.53 2.17 2.11
C GLU A 17 -15.51 2.19 2.05
N LEU A 18 -14.35 2.41 2.66
CA LEU A 18 -13.16 1.64 2.31
C LEU A 18 -13.37 0.14 2.57
N ILE A 19 -14.00 -0.22 3.70
CA ILE A 19 -14.31 -1.62 4.01
C ILE A 19 -15.26 -2.23 2.97
N GLN A 20 -16.32 -1.51 2.63
CA GLN A 20 -17.21 -1.97 1.59
C GLN A 20 -16.46 -2.17 0.25
N ASN A 21 -15.55 -1.25 -0.07
CA ASN A 21 -14.69 -1.37 -1.26
C ASN A 21 -13.85 -2.65 -1.23
N VAL A 22 -13.27 -2.98 -0.07
CA VAL A 22 -12.53 -4.22 0.10
C VAL A 22 -13.45 -5.46 -0.04
N ASN A 23 -14.63 -5.39 0.54
CA ASN A 23 -15.57 -6.48 0.43
C ASN A 23 -16.02 -6.71 -1.01
N ASP A 24 -16.20 -5.62 -1.74
CA ASP A 24 -16.57 -5.68 -3.15
C ASP A 24 -15.44 -6.32 -3.98
N ASP A 25 -14.19 -6.00 -3.67
CA ASP A 25 -13.06 -6.64 -4.36
C ASP A 25 -12.85 -8.10 -3.94
N ILE A 26 -13.13 -8.43 -2.69
CA ILE A 26 -13.03 -9.80 -2.24
C ILE A 26 -14.05 -10.70 -2.96
N LYS A 27 -15.23 -10.16 -3.24
CA LYS A 27 -16.23 -10.92 -3.96
C LYS A 27 -15.70 -11.30 -5.32
N GLU A 28 -15.01 -10.35 -5.96
CA GLU A 28 -14.47 -10.60 -7.32
C GLU A 28 -13.30 -11.58 -7.27
N VAL A 29 -12.40 -11.43 -6.30
CA VAL A 29 -11.22 -12.29 -6.25
C VAL A 29 -11.60 -13.73 -5.85
N GLU A 30 -12.75 -13.87 -5.21
CA GLU A 30 -13.29 -15.16 -4.88
C GLU A 30 -13.52 -16.01 -6.11
N LYS A 31 -13.91 -15.37 -7.21
CA LYS A 31 -14.20 -16.06 -8.45
C LYS A 31 -12.95 -16.53 -9.19
N ASN A 32 -11.82 -15.91 -8.84
CA ASN A 32 -10.52 -16.20 -9.46
C ASN A 32 -9.37 -15.82 -8.50
N PRO A 33 -9.09 -16.69 -7.54
CA PRO A 33 -8.26 -16.36 -6.37
C PRO A 33 -6.83 -15.93 -6.70
N GLU A 34 -6.35 -16.31 -7.87
CA GLU A 34 -5.00 -16.02 -8.27
C GLU A 34 -4.89 -14.66 -8.96
N ASP A 35 -5.99 -13.92 -9.00
CA ASP A 35 -5.97 -12.65 -9.70
C ASP A 35 -5.27 -11.61 -8.84
N MET A 36 -3.97 -11.45 -9.05
CA MET A 36 -3.17 -10.52 -8.23
C MET A 36 -3.59 -9.07 -8.34
N GLU A 37 -4.34 -8.72 -9.37
CA GLU A 37 -4.80 -7.34 -9.52
C GLU A 37 -5.74 -6.96 -8.33
N TYR A 38 -6.61 -7.88 -7.95
CA TYR A 38 -7.52 -7.60 -6.84
C TYR A 38 -6.80 -7.64 -5.52
N TRP A 39 -5.87 -8.56 -5.36
CA TRP A 39 -5.09 -8.61 -4.13
C TRP A 39 -4.27 -7.35 -3.92
N ASN A 40 -3.69 -6.84 -4.99
CA ASN A 40 -2.97 -5.56 -4.90
C ASN A 40 -3.86 -4.40 -4.50
N LYS A 41 -5.03 -4.28 -5.12
CA LYS A 41 -5.96 -3.19 -4.78
C LYS A 41 -6.41 -3.31 -3.32
N ILE A 42 -6.69 -4.53 -2.90
CA ILE A 42 -7.06 -4.82 -1.54
C ILE A 42 -5.98 -4.43 -0.56
N TYR A 43 -4.73 -4.77 -0.85
CA TYR A 43 -3.63 -4.43 0.03
C TYR A 43 -3.59 -2.92 0.19
N ARG A 44 -3.67 -2.19 -0.92
CA ARG A 44 -3.56 -0.72 -0.86
C ARG A 44 -4.76 -0.03 -0.13
N LEU A 45 -5.96 -0.62 -0.24
CA LEU A 45 -7.12 -0.15 0.48
C LEU A 45 -6.92 -0.34 1.98
N VAL A 46 -6.47 -1.52 2.37
CA VAL A 46 -6.24 -1.82 3.78
C VAL A 46 -5.14 -0.92 4.37
N HIS A 47 -4.08 -0.66 3.58
CA HIS A 47 -2.99 0.22 4.00
C HIS A 47 -3.50 1.64 4.26
N THR A 48 -4.43 2.06 3.42
CA THR A 48 -5.08 3.37 3.54
C THR A 48 -5.90 3.45 4.84
N MET A 49 -6.67 2.42 5.12
CA MET A 49 -7.45 2.34 6.36
C MET A 49 -6.56 2.34 7.59
N LYS A 50 -5.44 1.64 7.52
CA LYS A 50 -4.49 1.52 8.63
C LYS A 50 -3.93 2.89 8.97
N GLU A 51 -3.53 3.64 7.96
CA GLU A 51 -3.06 5.03 8.13
C GLU A 51 -4.12 5.85 8.89
N ILE A 52 -5.36 5.79 8.44
CA ILE A 52 -6.44 6.54 9.10
C ILE A 52 -6.62 6.13 10.57
N THR A 53 -6.65 4.83 10.83
CA THR A 53 -6.86 4.35 12.20
C THR A 53 -5.73 4.77 13.13
N GLU A 54 -4.51 4.85 12.58
CA GLU A 54 -3.38 5.28 13.38
C GLU A 54 -3.52 6.75 13.74
N THR A 55 -3.95 7.54 12.77
CA THR A 55 -4.17 8.96 13.02
C THR A 55 -5.20 9.14 14.12
N MET A 56 -6.25 8.32 14.08
CA MET A 56 -7.38 8.47 15.00
C MET A 56 -7.13 7.86 16.37
N GLY A 57 -6.13 7.00 16.48
CA GLY A 57 -5.82 6.35 17.74
C GLY A 57 -6.71 5.13 17.95
N PHE A 58 -7.28 4.61 16.87
CA PHE A 58 -8.10 3.40 16.91
C PHE A 58 -7.22 2.16 16.93
N SER A 59 -6.55 1.92 18.05
CA SER A 59 -5.51 0.91 18.15
C SER A 59 -6.00 -0.53 17.95
N SER A 60 -7.19 -0.84 18.42
CA SER A 60 -7.72 -2.19 18.29
C SER A 60 -8.03 -2.53 16.84
N VAL A 61 -8.46 -1.52 16.08
CA VAL A 61 -8.76 -1.73 14.66
C VAL A 61 -7.46 -1.85 13.86
N ALA A 62 -6.53 -0.95 14.10
CA ALA A 62 -5.22 -0.94 13.46
C ALA A 62 -4.53 -2.29 13.56
N LYS A 63 -4.63 -2.93 14.71
CA LYS A 63 -3.96 -4.22 14.91
C LYS A 63 -4.56 -5.31 14.04
N VAL A 64 -5.88 -5.28 13.83
CA VAL A 64 -6.52 -6.21 12.91
C VAL A 64 -6.16 -5.90 11.45
N LEU A 65 -6.18 -4.64 11.08
CA LEU A 65 -5.77 -4.25 9.74
C LEU A 65 -4.33 -4.67 9.46
N HIS A 66 -3.46 -4.50 10.44
CA HIS A 66 -2.07 -4.89 10.28
C HIS A 66 -1.98 -6.39 10.01
N THR A 67 -2.79 -7.16 10.72
CA THR A 67 -2.83 -8.61 10.53
C THR A 67 -3.28 -8.97 9.11
N ILE A 68 -4.29 -8.27 8.60
CA ILE A 68 -4.74 -8.52 7.25
C ILE A 68 -3.65 -8.20 6.20
N MET A 69 -2.96 -7.07 6.37
CA MET A 69 -1.89 -6.72 5.46
C MET A 69 -0.79 -7.78 5.46
N ASN A 70 -0.46 -8.31 6.62
CA ASN A 70 0.55 -9.36 6.67
C ASN A 70 0.14 -10.56 5.81
N LEU A 71 -1.11 -10.98 5.93
CA LEU A 71 -1.61 -12.13 5.17
CA LEU A 71 -1.64 -12.11 5.17
C LEU A 71 -1.64 -11.81 3.68
N VAL A 72 -2.15 -10.65 3.32
CA VAL A 72 -2.23 -10.30 1.92
C VAL A 72 -0.83 -10.12 1.34
N ASP A 73 0.08 -9.50 2.10
CA ASP A 73 1.43 -9.39 1.59
C ASP A 73 2.08 -10.76 1.24
N LYS A 74 1.90 -11.75 2.11
CA LYS A 74 2.38 -13.11 1.84
C LYS A 74 1.81 -13.68 0.52
N MET A 75 0.53 -13.40 0.25
CA MET A 75 -0.11 -13.83 -1.00
C MET A 75 0.49 -13.14 -2.23
N LEU A 76 0.77 -11.85 -2.10
CA LEU A 76 1.35 -11.05 -3.18
C LEU A 76 2.78 -11.44 -3.55
N ASN A 77 3.57 -11.79 -2.55
CA ASN A 77 4.95 -12.15 -2.78
C ASN A 77 5.14 -13.66 -2.71
N SER A 78 4.12 -14.36 -3.23
CA SER A 78 4.06 -15.83 -3.36
C SER A 78 4.69 -16.65 -2.23
N GLU A 79 4.44 -16.25 -0.98
CA GLU A 79 4.95 -16.97 0.17
C GLU A 79 4.02 -18.13 0.58
N ILE A 80 2.74 -18.01 0.28
CA ILE A 80 1.80 -19.13 0.44
C ILE A 80 0.77 -19.14 -0.69
N LYS A 81 0.32 -20.36 -1.02
CA LYS A 81 -0.67 -20.60 -2.06
C LYS A 81 -2.10 -20.15 -1.67
N ILE A 82 -2.80 -19.50 -2.59
CA ILE A 82 -4.08 -18.84 -2.28
C ILE A 82 -5.29 -19.78 -2.32
N THR A 83 -5.82 -20.12 -1.14
CA THR A 83 -6.92 -21.06 -1.04
C THR A 83 -8.22 -20.36 -0.63
N SER A 84 -9.31 -21.10 -0.73
CA SER A 84 -10.60 -20.67 -0.20
C SER A 84 -10.46 -20.33 1.29
N ASP A 85 -9.75 -21.18 2.04
CA ASP A 85 -9.63 -21.02 3.49
C ASP A 85 -8.84 -19.77 3.86
N LEU A 86 -7.83 -19.44 3.07
CA LEU A 86 -7.06 -18.23 3.32
CA LEU A 86 -7.06 -18.24 3.29
C LEU A 86 -7.94 -17.00 3.07
N ILE A 87 -8.79 -17.09 2.06
CA ILE A 87 -9.71 -15.99 1.77
C ILE A 87 -10.72 -15.88 2.92
N ASP A 88 -11.13 -17.01 3.46
CA ASP A 88 -12.04 -16.99 4.60
C ASP A 88 -11.42 -16.32 5.81
N LYS A 89 -10.13 -16.49 6.05
CA LYS A 89 -9.53 -15.87 7.22
C LYS A 89 -9.46 -14.35 7.06
N VAL A 90 -9.19 -13.91 5.83
CA VAL A 90 -9.28 -12.49 5.49
C VAL A 90 -10.69 -11.93 5.72
N LYS A 91 -11.70 -12.61 5.21
CA LYS A 91 -13.08 -12.18 5.42
C LYS A 91 -13.40 -12.12 6.92
N LYS A 92 -12.99 -13.13 7.67
CA LYS A 92 -13.28 -13.17 9.07
C LYS A 92 -12.67 -11.96 9.82
N LYS A 93 -11.45 -11.60 9.45
CA LYS A 93 -10.82 -10.43 10.05
C LYS A 93 -11.47 -9.12 9.63
N LEU A 94 -11.89 -9.05 8.39
CA LEU A 94 -12.51 -7.83 7.91
C LEU A 94 -13.82 -7.61 8.68
N ASP A 95 -14.53 -8.69 8.98
CA ASP A 95 -15.74 -8.60 9.77
C ASP A 95 -15.45 -8.17 11.20
N MET A 96 -14.33 -8.63 11.75
CA MET A 96 -13.86 -8.16 13.04
C MET A 96 -13.63 -6.64 12.98
N VAL A 97 -13.02 -6.17 11.89
CA VAL A 97 -12.75 -4.74 11.73
C VAL A 97 -14.06 -3.97 11.72
N THR A 98 -15.04 -4.49 11.02
CA THR A 98 -16.32 -3.81 10.94
C THR A 98 -17.00 -3.74 12.31
N ARG A 99 -16.96 -4.83 13.06
CA ARG A 99 -17.59 -4.81 14.39
C ARG A 99 -16.86 -3.83 15.30
N GLU A 100 -15.54 -3.92 15.33
CA GLU A 100 -14.72 -3.12 16.24
C GLU A 100 -14.93 -1.65 15.94
N LEU A 101 -15.08 -1.35 14.66
CA LEU A 101 -15.29 0.01 14.23
C LEU A 101 -16.66 0.49 14.68
N ASP A 102 -17.66 -0.37 14.56
CA ASP A 102 -19.03 -0.03 14.93
C ASP A 102 -19.10 0.54 16.35
N LYS A 103 -18.13 0.13 17.16
CA LYS A 103 -18.05 0.59 18.54
C LYS A 103 -17.52 2.02 18.68
N LYS A 104 -17.22 2.67 17.56
CA LYS A 104 -16.72 4.05 17.57
C LYS A 104 -17.85 5.07 17.41
N VAL A 105 -19.00 4.62 16.90
CA VAL A 105 -20.22 5.43 16.93
C VAL A 105 -21.24 4.86 17.91
N HIS B 4 6.43 -5.33 -29.72
CA HIS B 4 5.69 -4.81 -28.56
C HIS B 4 6.32 -3.53 -28.05
N GLN B 5 7.33 -3.03 -28.76
CA GLN B 5 8.09 -1.89 -28.26
C GLN B 5 7.19 -0.67 -28.00
N GLU B 6 6.03 -0.60 -28.65
CA GLU B 6 5.16 0.56 -28.47
C GLU B 6 4.42 0.50 -27.13
N TYR B 7 4.04 -0.72 -26.72
CA TYR B 7 3.41 -0.90 -25.41
C TYR B 7 4.44 -0.75 -24.30
N ILE B 8 5.65 -1.22 -24.54
CA ILE B 8 6.72 -1.01 -23.55
C ILE B 8 6.92 0.47 -23.28
N LYS B 9 6.94 1.28 -24.33
CA LYS B 9 7.20 2.71 -24.21
C LYS B 9 6.02 3.35 -23.47
N LYS B 10 4.81 2.85 -23.67
CA LYS B 10 3.65 3.37 -22.94
C LYS B 10 3.76 3.10 -21.45
N VAL B 11 4.12 1.87 -21.11
CA VAL B 11 4.25 1.44 -19.73
C VAL B 11 5.39 2.13 -19.03
N THR B 12 6.52 2.26 -19.71
CA THR B 12 7.66 2.90 -19.09
C THR B 12 7.29 4.35 -18.84
N ASP B 13 6.51 4.93 -19.75
CA ASP B 13 6.13 6.32 -19.57
C ASP B 13 5.16 6.48 -18.40
N GLU B 14 4.29 5.50 -18.19
CA GLU B 14 3.39 5.48 -17.05
C GLU B 14 4.19 5.30 -15.75
N LEU B 15 5.26 4.52 -15.82
CA LEU B 15 6.09 4.28 -14.66
C LEU B 15 6.85 5.53 -14.27
N LYS B 16 7.31 6.26 -15.28
CA LYS B 16 8.00 7.51 -15.06
C LYS B 16 7.12 8.59 -14.43
N GLU B 17 5.83 8.57 -14.74
CA GLU B 17 4.87 9.51 -14.16
C GLU B 17 4.76 9.22 -12.66
N LEU B 18 4.66 7.95 -12.32
CA LEU B 18 4.61 7.52 -10.93
C LEU B 18 5.90 7.91 -10.17
N ILE B 19 7.05 7.69 -10.80
CA ILE B 19 8.32 8.03 -10.21
C ILE B 19 8.40 9.54 -9.93
N GLN B 20 7.89 10.37 -10.86
CA GLN B 20 7.87 11.81 -10.66
C GLN B 20 6.95 12.18 -9.49
N ASN B 21 5.79 11.53 -9.43
CA ASN B 21 4.91 11.69 -8.26
C ASN B 21 5.65 11.41 -6.96
N VAL B 22 6.41 10.34 -6.96
CA VAL B 22 7.23 9.97 -5.80
C VAL B 22 8.30 11.02 -5.48
N ASN B 23 8.98 11.50 -6.51
CA ASN B 23 9.97 12.53 -6.30
C ASN B 23 9.35 13.82 -5.78
N ASP B 24 8.15 14.16 -6.23
CA ASP B 24 7.47 15.34 -5.73
C ASP B 24 7.14 15.19 -4.24
N ASP B 25 6.70 14.00 -3.81
CA ASP B 25 6.38 13.72 -2.42
C ASP B 25 7.63 13.69 -1.53
N ILE B 26 8.73 13.20 -2.07
CA ILE B 26 10.03 13.25 -1.38
C ILE B 26 10.54 14.67 -1.15
N LYS B 27 10.36 15.55 -2.11
CA LYS B 27 10.73 16.95 -1.96
C LYS B 27 9.99 17.52 -0.75
N GLU B 28 8.72 17.17 -0.61
CA GLU B 28 7.91 17.72 0.48
C GLU B 28 8.29 17.08 1.81
N VAL B 29 8.64 15.81 1.79
CA VAL B 29 8.89 15.10 3.03
C VAL B 29 10.28 15.43 3.58
N GLU B 30 11.18 15.87 2.69
CA GLU B 30 12.50 16.30 3.11
C GLU B 30 12.44 17.51 4.06
N LYS B 31 11.42 18.33 3.87
CA LYS B 31 11.28 19.57 4.62
C LYS B 31 10.64 19.29 5.98
N ASN B 32 9.97 18.15 6.09
CA ASN B 32 9.35 17.70 7.34
C ASN B 32 9.31 16.17 7.33
N PRO B 33 10.44 15.53 7.66
CA PRO B 33 10.68 14.09 7.47
C PRO B 33 9.81 13.21 8.36
N GLU B 34 9.22 13.82 9.39
CA GLU B 34 8.34 13.13 10.30
C GLU B 34 6.87 13.06 9.80
N ASP B 35 6.58 13.67 8.65
CA ASP B 35 5.21 13.73 8.16
C ASP B 35 4.80 12.41 7.53
N MET B 36 4.04 11.62 8.29
CA MET B 36 3.72 10.28 7.81
C MET B 36 2.75 10.29 6.62
N GLU B 37 2.08 11.41 6.38
CA GLU B 37 1.15 11.44 5.27
C GLU B 37 1.90 11.22 3.95
N TYR B 38 3.06 11.85 3.82
CA TYR B 38 3.83 11.72 2.61
C TYR B 38 4.45 10.34 2.51
N TRP B 39 4.94 9.81 3.62
CA TRP B 39 5.55 8.50 3.60
C TRP B 39 4.52 7.42 3.21
N ASN B 40 3.31 7.54 3.73
CA ASN B 40 2.23 6.60 3.35
C ASN B 40 1.90 6.67 1.87
N LYS B 41 1.86 7.89 1.35
CA LYS B 41 1.60 8.11 -0.06
C LYS B 41 2.72 7.51 -0.93
N ILE B 42 3.97 7.78 -0.56
CA ILE B 42 5.12 7.21 -1.25
C ILE B 42 5.06 5.69 -1.25
N TYR B 43 4.74 5.08 -0.10
CA TYR B 43 4.71 3.64 -0.03
C TYR B 43 3.69 3.07 -1.02
N ARG B 44 2.48 3.66 -1.06
CA ARG B 44 1.44 3.15 -1.96
C ARG B 44 1.79 3.38 -3.45
N LEU B 45 2.45 4.50 -3.75
CA LEU B 45 2.98 4.74 -5.10
C LEU B 45 4.00 3.68 -5.51
N VAL B 46 4.97 3.38 -4.62
CA VAL B 46 5.99 2.39 -4.91
C VAL B 46 5.39 1.00 -5.02
N HIS B 47 4.40 0.70 -4.17
CA HIS B 47 3.67 -0.57 -4.22
C HIS B 47 3.01 -0.75 -5.59
N THR B 48 2.36 0.30 -6.05
CA THR B 48 1.77 0.35 -7.39
C THR B 48 2.79 0.10 -8.49
N MET B 49 3.95 0.73 -8.41
CA MET B 49 5.01 0.53 -9.40
C MET B 49 5.51 -0.88 -9.38
N LYS B 50 5.66 -1.46 -8.18
CA LYS B 50 6.17 -2.81 -8.07
C LYS B 50 5.25 -3.82 -8.77
N GLU B 51 3.93 -3.66 -8.59
CA GLU B 51 2.96 -4.54 -9.21
C GLU B 51 3.08 -4.48 -10.75
N ILE B 52 3.22 -3.28 -11.28
CA ILE B 52 3.38 -3.09 -12.71
C ILE B 52 4.65 -3.80 -13.22
N THR B 53 5.78 -3.53 -12.57
CA THR B 53 7.04 -4.11 -13.02
C THR B 53 7.04 -5.63 -12.93
N GLU B 54 6.34 -6.19 -11.91
CA GLU B 54 6.18 -7.64 -11.82
C GLU B 54 5.38 -8.24 -12.99
N THR B 55 4.33 -7.53 -13.40
CA THR B 55 3.54 -7.93 -14.54
C THR B 55 4.39 -7.95 -15.83
N MET B 56 5.24 -6.93 -15.98
CA MET B 56 6.06 -6.77 -17.21
C MET B 56 7.25 -7.71 -17.30
N GLY B 57 7.58 -8.36 -16.20
CA GLY B 57 8.78 -9.19 -16.14
C GLY B 57 10.05 -8.37 -15.90
N PHE B 58 9.90 -7.15 -15.40
CA PHE B 58 11.06 -6.29 -15.07
C PHE B 58 11.57 -6.66 -13.68
N SER B 59 12.11 -7.86 -13.55
CA SER B 59 12.30 -8.40 -12.22
C SER B 59 13.39 -7.63 -11.48
N SER B 60 14.35 -7.09 -12.22
CA SER B 60 15.46 -6.39 -11.57
C SER B 60 14.98 -5.07 -10.96
N VAL B 61 14.13 -4.36 -11.68
CA VAL B 61 13.53 -3.13 -11.16
C VAL B 61 12.58 -3.45 -9.99
N ALA B 62 11.77 -4.49 -10.10
CA ALA B 62 10.87 -4.90 -9.03
C ALA B 62 11.60 -5.11 -7.69
N LYS B 63 12.79 -5.69 -7.77
CA LYS B 63 13.56 -5.98 -6.55
C LYS B 63 14.02 -4.69 -5.88
N VAL B 64 14.45 -3.74 -6.71
CA VAL B 64 14.81 -2.43 -6.17
C VAL B 64 13.60 -1.77 -5.54
N LEU B 65 12.45 -1.77 -6.22
CA LEU B 65 11.26 -1.17 -5.65
C LEU B 65 10.91 -1.85 -4.33
N HIS B 66 11.03 -3.16 -4.26
CA HIS B 66 10.77 -3.87 -3.02
C HIS B 66 11.67 -3.39 -1.86
N THR B 67 12.96 -3.17 -2.13
CA THR B 67 13.88 -2.69 -1.08
C THR B 67 13.52 -1.28 -0.60
N ILE B 68 13.02 -0.45 -1.51
CA ILE B 68 12.51 0.88 -1.16
C ILE B 68 11.28 0.80 -0.25
N MET B 69 10.35 -0.11 -0.56
N MET B 69 10.37 -0.11 -0.57
CA MET B 69 9.15 -0.27 0.24
CA MET B 69 9.16 -0.30 0.22
C MET B 69 9.50 -0.72 1.65
C MET B 69 9.49 -0.73 1.64
N ASN B 70 10.45 -1.65 1.74
CA ASN B 70 10.86 -2.16 3.02
C ASN B 70 11.42 -1.03 3.87
N LEU B 71 12.21 -0.15 3.26
CA LEU B 71 12.75 1.01 3.95
C LEU B 71 11.63 1.90 4.42
N VAL B 72 10.73 2.23 3.50
CA VAL B 72 9.67 3.17 3.81
C VAL B 72 8.77 2.58 4.88
N ASP B 73 8.51 1.27 4.79
CA ASP B 73 7.68 0.62 5.79
C ASP B 73 8.28 0.71 7.17
N LYS B 74 9.59 0.55 7.26
CA LYS B 74 10.25 0.69 8.56
C LYS B 74 10.06 2.11 9.09
N MET B 75 10.12 3.12 8.22
CA MET B 75 9.91 4.50 8.65
C MET B 75 8.50 4.70 9.18
N LEU B 76 7.54 4.16 8.45
CA LEU B 76 6.13 4.26 8.82
C LEU B 76 5.84 3.65 10.19
N ASN B 77 6.53 2.57 10.50
CA ASN B 77 6.26 1.88 11.76
C ASN B 77 7.21 2.32 12.88
N SER B 78 7.96 3.39 12.63
CA SER B 78 8.93 3.93 13.57
C SER B 78 10.01 2.92 13.93
N GLU B 79 10.22 1.94 13.05
CA GLU B 79 11.27 0.96 13.22
C GLU B 79 12.60 1.52 12.75
N ILE B 80 12.58 2.79 12.34
CA ILE B 80 13.82 3.55 12.21
C ILE B 80 13.58 5.03 12.40
N LYS B 81 14.69 5.71 12.61
CA LYS B 81 14.73 7.16 12.67
C LYS B 81 14.93 7.66 11.24
N ILE B 82 14.08 8.58 10.82
CA ILE B 82 14.12 9.09 9.46
C ILE B 82 15.21 10.15 9.33
N THR B 83 16.38 9.71 8.88
CA THR B 83 17.52 10.62 8.73
C THR B 83 17.66 11.12 7.31
N SER B 84 18.51 12.13 7.16
CA SER B 84 18.82 12.73 5.88
C SER B 84 19.47 11.70 4.97
N ASP B 85 20.34 10.87 5.55
CA ASP B 85 21.08 9.86 4.78
C ASP B 85 20.17 8.76 4.28
N LEU B 86 19.16 8.45 5.07
CA LEU B 86 18.19 7.44 4.70
C LEU B 86 17.31 7.91 3.53
N ILE B 87 16.93 9.19 3.55
CA ILE B 87 16.18 9.76 2.44
C ILE B 87 17.06 9.77 1.20
N ASP B 88 18.35 10.04 1.37
CA ASP B 88 19.27 10.00 0.24
C ASP B 88 19.41 8.59 -0.36
N LYS B 89 19.38 7.59 0.50
CA LYS B 89 19.41 6.18 0.07
C LYS B 89 18.18 5.87 -0.82
N VAL B 90 17.02 6.38 -0.42
CA VAL B 90 15.80 6.18 -1.16
C VAL B 90 15.85 6.90 -2.50
N LYS B 91 16.33 8.14 -2.50
CA LYS B 91 16.51 8.90 -3.72
C LYS B 91 17.48 8.19 -4.66
N LYS B 92 18.57 7.68 -4.09
CA LYS B 92 19.57 6.99 -4.88
C LYS B 92 18.92 5.80 -5.60
N LYS B 93 18.07 5.05 -4.88
CA LYS B 93 17.44 3.86 -5.48
C LYS B 93 16.40 4.20 -6.55
N LEU B 94 15.66 5.29 -6.37
CA LEU B 94 14.69 5.68 -7.36
C LEU B 94 15.38 6.13 -8.64
N ASP B 95 16.54 6.75 -8.50
CA ASP B 95 17.32 7.16 -9.66
C ASP B 95 17.85 5.92 -10.40
N MET B 96 18.25 4.91 -9.65
CA MET B 96 18.61 3.61 -10.23
C MET B 96 17.44 3.08 -11.07
N VAL B 97 16.25 3.14 -10.51
CA VAL B 97 15.06 2.60 -11.17
C VAL B 97 14.79 3.38 -12.44
N THR B 98 14.96 4.69 -12.38
CA THR B 98 14.74 5.54 -13.54
C THR B 98 15.70 5.18 -14.67
N ARG B 99 16.97 4.96 -14.35
CA ARG B 99 17.95 4.66 -15.40
C ARG B 99 17.62 3.28 -16.01
N GLU B 100 17.21 2.32 -15.17
CA GLU B 100 16.93 0.99 -15.67
C GLU B 100 15.72 1.00 -16.58
N LEU B 101 14.71 1.80 -16.23
CA LEU B 101 13.56 1.95 -17.11
C LEU B 101 13.95 2.57 -18.46
N ASP B 102 14.81 3.57 -18.45
CA ASP B 102 15.28 4.20 -19.69
C ASP B 102 15.91 3.18 -20.63
N LYS B 103 16.55 2.17 -20.05
CA LYS B 103 17.26 1.15 -20.81
C LYS B 103 16.24 0.30 -21.56
N LYS B 104 15.06 0.13 -20.97
CA LYS B 104 14.00 -0.70 -21.59
C LYS B 104 13.58 -0.09 -22.93
N VAL B 105 13.80 1.22 -23.06
CA VAL B 105 13.36 1.96 -24.22
C VAL B 105 14.48 2.81 -24.84
#